data_1QGE
#
_entry.id   1QGE
#
_cell.length_a   40.980
_cell.length_b   43.350
_cell.length_c   140.690
_cell.angle_alpha   90.00
_cell.angle_beta   90.00
_cell.angle_gamma   90.00
#
_symmetry.space_group_name_H-M   'P 21 21 21'
#
loop_
_entity.id
_entity.type
_entity.pdbx_description
1 polymer 'PROTEIN (TRIACYLGLYCEROL HYDROLASE)'
2 polymer 'PROTEIN (TRIACYLGLYCEROL HYDROLASE)'
3 non-polymer 'CALCIUM ION'
4 water water
#
loop_
_entity_poly.entity_id
_entity_poly.type
_entity_poly.pdbx_seq_one_letter_code
_entity_poly.pdbx_strand_id
1 'polypeptide(L)'
;ADTYAATRYPVILVHGLAGTDKFANVVDYWYGIQSDLQSHGAKVYVANLSGFQSDDGPNGRGEQLLAYVKQVLAATGATK
VNLIGHSQGGLTSRYVAAVAPQLVASVTTIGTPHRGSEFADFVQDVLKTDPTGLSSTVIAAFVNVFGTLVSSSHNTDQDA
LAALRTLTTAQTATYNRNFPSAGLGAPGSCQTGAATETVGGSQHLLYSWGGTAIQPTSTVLG
;
D
2 'polypeptide(L)'
;VVGATDTSTGTLDVANVTDPSTLALLATGAVMINRASGQNDGLVSRCSSLFGQVISTSYHWNHLDEINQLLGVRGANAED
PVAVIRTHVNRLKLQGV
;
E
#
# COMPACT_ATOMS: atom_id res chain seq x y z
N ALA A 1 11.32 -23.83 -12.43
CA ALA A 1 11.79 -22.51 -11.90
C ALA A 1 12.64 -21.80 -12.94
N ASP A 2 12.77 -20.48 -12.85
CA ASP A 2 13.60 -19.76 -13.81
C ASP A 2 14.21 -18.53 -13.16
N THR A 3 14.82 -17.61 -13.87
CA THR A 3 15.44 -16.44 -13.25
C THR A 3 14.78 -15.14 -13.70
N TYR A 4 13.53 -15.21 -14.09
CA TYR A 4 12.83 -14.00 -14.53
C TYR A 4 12.77 -12.91 -13.47
N ALA A 5 12.63 -13.26 -12.19
CA ALA A 5 12.56 -12.24 -11.14
C ALA A 5 13.81 -12.27 -10.26
N ALA A 6 14.94 -12.76 -10.81
CA ALA A 6 16.16 -12.81 -10.01
C ALA A 6 16.95 -11.51 -10.02
N THR A 7 16.53 -10.54 -9.22
CA THR A 7 17.18 -9.24 -9.09
C THR A 7 18.57 -9.38 -8.47
N ARG A 8 19.41 -8.39 -8.64
CA ARG A 8 20.74 -8.34 -8.03
C ARG A 8 20.63 -8.25 -6.51
N TYR A 9 19.70 -7.43 -6.05
CA TYR A 9 19.44 -7.22 -4.63
C TYR A 9 18.13 -7.83 -4.17
N PRO A 10 18.10 -8.25 -2.91
CA PRO A 10 16.93 -8.88 -2.31
C PRO A 10 15.69 -8.01 -2.41
N VAL A 11 14.54 -8.66 -2.50
CA VAL A 11 13.25 -7.95 -2.55
C VAL A 11 12.57 -8.06 -1.18
N ILE A 12 12.25 -6.93 -0.59
CA ILE A 12 11.54 -6.85 0.68
C ILE A 12 10.10 -6.40 0.41
N LEU A 13 9.12 -7.22 0.73
CA LEU A 13 7.71 -6.82 0.57
C LEU A 13 7.32 -6.17 1.90
N VAL A 14 6.73 -4.98 1.82
CA VAL A 14 6.41 -4.23 3.04
C VAL A 14 4.91 -3.95 3.16
N HIS A 15 4.24 -4.74 4.00
CA HIS A 15 2.80 -4.53 4.18
C HIS A 15 2.48 -3.18 4.80
N GLY A 16 1.20 -2.81 4.71
CA GLY A 16 0.75 -1.54 5.28
C GLY A 16 -0.34 -1.74 6.34
N LEU A 17 -1.40 -2.46 6.03
CA LEU A 17 -2.50 -2.66 6.97
C LEU A 17 -2.14 -3.80 7.93
N ALA A 18 -1.93 -3.42 9.19
CA ALA A 18 -1.50 -4.38 10.19
C ALA A 18 -2.12 -4.11 11.56
N GLY A 19 -2.12 -5.16 12.38
CA GLY A 19 -2.62 -5.08 13.74
C GLY A 19 -1.65 -4.40 14.69
N THR A 20 -2.11 -4.20 15.92
CA THR A 20 -1.36 -3.51 16.97
C THR A 20 -0.61 -4.48 17.88
N ASP A 21 -0.67 -5.76 17.58
CA ASP A 21 -0.05 -6.82 18.35
C ASP A 21 1.11 -7.48 17.60
N LYS A 22 2.34 -7.16 18.03
CA LYS A 22 3.55 -7.70 17.43
C LYS A 22 3.52 -9.17 17.11
N PHE A 23 4.28 -9.56 16.08
CA PHE A 23 4.46 -10.91 15.62
C PHE A 23 3.23 -11.64 15.11
N ALA A 24 2.21 -10.95 14.62
CA ALA A 24 1.02 -11.61 14.06
C ALA A 24 1.46 -12.35 12.79
N ASN A 25 0.64 -13.22 12.22
CA ASN A 25 1.05 -13.93 11.01
C ASN A 25 0.77 -13.08 9.78
N VAL A 26 1.82 -12.75 9.02
CA VAL A 26 1.67 -11.93 7.82
C VAL A 26 2.00 -12.67 6.54
N VAL A 27 2.12 -13.99 6.61
CA VAL A 27 2.48 -14.80 5.44
C VAL A 27 1.51 -14.74 4.28
N ASP A 28 0.24 -14.45 4.48
CA ASP A 28 -0.72 -14.41 3.39
C ASP A 28 -1.12 -12.99 2.99
N TYR A 29 -0.51 -11.96 3.57
CA TYR A 29 -0.89 -10.59 3.20
C TYR A 29 -0.71 -10.37 1.70
N TRP A 30 0.49 -10.64 1.21
CA TRP A 30 0.78 -10.55 -0.24
C TRP A 30 0.37 -11.90 -0.82
N TYR A 31 -0.94 -12.11 -0.98
CA TYR A 31 -1.51 -13.42 -1.28
C TYR A 31 -1.03 -14.09 -2.55
N GLY A 32 -0.32 -15.20 -2.30
CA GLY A 32 0.25 -16.03 -3.35
C GLY A 32 1.47 -15.43 -4.03
N ILE A 33 1.89 -14.25 -3.65
CA ILE A 33 2.96 -13.54 -4.34
C ILE A 33 4.35 -14.02 -3.94
N GLN A 34 4.60 -14.35 -2.69
CA GLN A 34 5.94 -14.80 -2.31
C GLN A 34 6.34 -16.08 -3.04
N SER A 35 5.46 -17.09 -3.07
CA SER A 35 5.81 -18.33 -3.77
C SER A 35 5.95 -18.11 -5.28
N ASP A 36 5.16 -17.21 -5.85
CA ASP A 36 5.24 -16.93 -7.28
C ASP A 36 6.61 -16.33 -7.60
N LEU A 37 7.00 -15.32 -6.82
CA LEU A 37 8.29 -14.67 -7.09
C LEU A 37 9.46 -15.65 -6.85
N GLN A 38 9.38 -16.48 -5.82
CA GLN A 38 10.43 -17.47 -5.55
C GLN A 38 10.59 -18.47 -6.66
N SER A 39 9.50 -18.83 -7.35
CA SER A 39 9.57 -19.77 -8.47
C SER A 39 10.27 -19.16 -9.67
N HIS A 40 10.35 -17.84 -9.72
CA HIS A 40 11.02 -17.08 -10.76
C HIS A 40 12.37 -16.54 -10.29
N GLY A 41 12.98 -17.16 -9.27
CA GLY A 41 14.32 -16.81 -8.84
C GLY A 41 14.52 -15.63 -7.91
N ALA A 42 13.44 -15.01 -7.41
CA ALA A 42 13.63 -13.87 -6.51
C ALA A 42 13.94 -14.32 -5.09
N LYS A 43 14.72 -13.50 -4.40
CA LYS A 43 15.02 -13.70 -2.98
C LYS A 43 14.04 -12.78 -2.26
N VAL A 44 12.95 -13.33 -1.76
CA VAL A 44 11.88 -12.53 -1.17
C VAL A 44 11.85 -12.57 0.35
N TYR A 45 11.74 -11.39 0.95
CA TYR A 45 11.67 -11.23 2.40
C TYR A 45 10.40 -10.45 2.75
N VAL A 46 9.57 -10.93 3.64
CA VAL A 46 8.33 -10.21 3.97
C VAL A 46 8.46 -9.59 5.35
N ALA A 47 8.55 -8.27 5.39
CA ALA A 47 8.67 -7.56 6.66
C ALA A 47 7.41 -7.75 7.49
N ASN A 48 7.60 -7.72 8.82
CA ASN A 48 6.47 -7.80 9.74
C ASN A 48 6.57 -6.62 10.69
N LEU A 49 5.77 -5.58 10.44
CA LEU A 49 5.79 -4.36 11.23
C LEU A 49 4.58 -4.30 12.16
N SER A 50 3.84 -5.38 12.31
CA SER A 50 2.70 -5.41 13.23
C SER A 50 3.15 -4.98 14.63
N GLY A 51 2.36 -4.17 15.33
CA GLY A 51 2.75 -3.79 16.70
C GLY A 51 3.45 -2.45 16.76
N PHE A 52 3.76 -1.86 15.61
CA PHE A 52 4.40 -0.55 15.52
C PHE A 52 3.42 0.36 14.79
N GLN A 53 3.22 1.60 15.27
CA GLN A 53 2.18 2.44 14.68
C GLN A 53 2.60 3.38 13.57
N SER A 54 3.22 4.50 13.93
CA SER A 54 3.65 5.50 12.98
C SER A 54 4.91 5.01 12.25
N ASP A 55 5.33 5.73 11.23
CA ASP A 55 6.52 5.36 10.48
C ASP A 55 7.78 6.02 11.08
N ASP A 56 7.60 7.29 11.49
CA ASP A 56 8.78 7.97 12.06
C ASP A 56 8.83 7.81 13.57
N GLY A 57 9.85 8.38 14.20
CA GLY A 57 9.99 8.28 15.65
C GLY A 57 10.93 7.14 16.03
N PRO A 58 11.45 7.16 17.25
CA PRO A 58 12.36 6.12 17.72
C PRO A 58 11.76 4.73 17.69
N ASN A 59 10.47 4.58 18.00
CA ASN A 59 9.87 3.25 17.97
C ASN A 59 8.82 3.11 16.89
N GLY A 60 9.05 3.78 15.76
CA GLY A 60 8.11 3.68 14.64
C GLY A 60 8.45 2.50 13.74
N ARG A 61 7.60 2.32 12.71
CA ARG A 61 7.80 1.24 11.77
C ARG A 61 9.06 1.42 10.92
N GLY A 62 9.46 2.66 10.69
CA GLY A 62 10.63 3.00 9.90
C GLY A 62 11.89 2.43 10.56
N GLU A 63 12.07 2.69 11.87
CA GLU A 63 13.27 2.11 12.52
C GLU A 63 13.23 0.59 12.54
N GLN A 64 12.04 0.00 12.68
CA GLN A 64 11.90 -1.43 12.64
C GLN A 64 12.23 -1.97 11.25
N LEU A 65 11.72 -1.32 10.21
CA LEU A 65 12.04 -1.79 8.86
C LEU A 65 13.55 -1.66 8.59
N LEU A 66 14.14 -0.57 9.06
CA LEU A 66 15.57 -0.35 8.89
C LEU A 66 16.34 -1.48 9.55
N ALA A 67 15.94 -1.83 10.78
CA ALA A 67 16.64 -2.93 11.47
C ALA A 67 16.48 -4.23 10.70
N TYR A 68 15.31 -4.52 10.14
CA TYR A 68 15.07 -5.73 9.35
C TYR A 68 15.92 -5.74 8.08
N VAL A 69 16.03 -4.62 7.41
CA VAL A 69 16.86 -4.45 6.22
C VAL A 69 18.32 -4.72 6.59
N LYS A 70 18.79 -4.19 7.73
CA LYS A 70 20.19 -4.46 8.10
C LYS A 70 20.39 -5.93 8.40
N GLN A 71 19.37 -6.62 8.89
CA GLN A 71 19.45 -8.04 9.16
C GLN A 71 19.55 -8.83 7.85
N VAL A 72 18.71 -8.47 6.89
CA VAL A 72 18.73 -9.16 5.60
C VAL A 72 20.08 -8.93 4.94
N LEU A 73 20.62 -7.72 4.99
CA LEU A 73 21.91 -7.38 4.43
C LEU A 73 23.05 -8.10 5.14
N ALA A 74 23.00 -8.19 6.47
CA ALA A 74 24.12 -8.87 7.14
C ALA A 74 24.13 -10.36 6.81
N ALA A 75 22.97 -10.97 6.67
CA ALA A 75 22.84 -12.38 6.40
C ALA A 75 23.23 -12.76 4.97
N THR A 76 22.70 -12.01 4.00
CA THR A 76 22.96 -12.33 2.61
C THR A 76 24.31 -11.91 2.07
N GLY A 77 24.92 -10.87 2.62
CA GLY A 77 26.17 -10.32 2.09
C GLY A 77 25.86 -9.29 1.02
N ALA A 78 24.57 -9.00 0.80
CA ALA A 78 24.16 -8.02 -0.19
C ALA A 78 24.40 -6.63 0.38
N THR A 79 24.55 -5.64 -0.49
CA THR A 79 24.82 -4.29 -0.02
C THR A 79 23.58 -3.42 -0.02
N LYS A 80 22.58 -3.79 -0.81
CA LYS A 80 21.37 -2.98 -0.95
C LYS A 80 20.12 -3.86 -1.04
N VAL A 81 18.94 -3.25 -0.94
CA VAL A 81 17.69 -3.99 -1.06
C VAL A 81 16.74 -3.23 -2.00
N ASN A 82 15.77 -3.95 -2.54
CA ASN A 82 14.68 -3.33 -3.30
C ASN A 82 13.45 -3.33 -2.39
N LEU A 83 12.88 -2.15 -2.12
CA LEU A 83 11.73 -2.10 -1.23
C LEU A 83 10.43 -1.99 -2.02
N ILE A 84 9.48 -2.89 -1.81
CA ILE A 84 8.18 -2.79 -2.51
C ILE A 84 7.11 -2.68 -1.41
N GLY A 85 6.43 -1.55 -1.25
CA GLY A 85 5.47 -1.41 -0.18
C GLY A 85 4.04 -1.17 -0.61
N HIS A 86 3.07 -1.68 0.17
CA HIS A 86 1.66 -1.47 -0.14
C HIS A 86 1.03 -0.57 0.92
N SER A 87 0.19 0.37 0.51
CA SER A 87 -0.48 1.24 1.48
C SER A 87 0.55 1.94 2.36
N GLN A 88 0.38 1.91 3.69
CA GLN A 88 1.38 2.50 4.57
C GLN A 88 2.80 2.01 4.30
N GLY A 89 3.01 0.77 3.88
CA GLY A 89 4.33 0.24 3.59
C GLY A 89 5.15 1.09 2.63
N GLY A 90 4.50 1.81 1.71
CA GLY A 90 5.21 2.74 0.82
C GLY A 90 5.79 3.90 1.62
N LEU A 91 5.07 4.43 2.61
CA LEU A 91 5.60 5.49 3.47
C LEU A 91 6.74 4.94 4.32
N THR A 92 6.61 3.72 4.84
CA THR A 92 7.66 3.12 5.65
C THR A 92 8.93 2.94 4.82
N SER A 93 8.76 2.53 3.57
CA SER A 93 9.90 2.35 2.68
C SER A 93 10.61 3.67 2.40
N ARG A 94 9.88 4.79 2.31
CA ARG A 94 10.49 6.10 2.08
C ARG A 94 11.34 6.51 3.27
N TYR A 95 10.90 6.13 4.48
CA TYR A 95 11.68 6.46 5.67
C TYR A 95 13.07 5.83 5.59
N VAL A 96 13.13 4.53 5.31
CA VAL A 96 14.42 3.84 5.17
C VAL A 96 15.26 4.46 4.07
N ALA A 97 14.69 4.79 2.91
CA ALA A 97 15.47 5.41 1.84
C ALA A 97 16.03 6.77 2.25
N ALA A 98 15.33 7.52 3.10
CA ALA A 98 15.82 8.79 3.57
C ALA A 98 16.90 8.67 4.64
N VAL A 99 16.75 7.80 5.64
CA VAL A 99 17.73 7.76 6.72
C VAL A 99 18.91 6.83 6.46
N ALA A 100 18.77 5.96 5.47
CA ALA A 100 19.84 5.02 5.10
C ALA A 100 19.82 4.79 3.60
N PRO A 101 20.05 5.85 2.83
CA PRO A 101 20.04 5.81 1.38
C PRO A 101 21.01 4.84 0.77
N GLN A 102 22.16 4.64 1.41
CA GLN A 102 23.17 3.69 0.93
C GLN A 102 22.71 2.25 0.95
N LEU A 103 21.68 1.88 1.71
CA LEU A 103 21.20 0.51 1.76
C LEU A 103 20.04 0.24 0.79
N VAL A 104 19.58 1.26 0.10
CA VAL A 104 18.42 1.05 -0.78
C VAL A 104 18.73 1.22 -2.25
N ALA A 105 18.23 0.32 -3.10
CA ALA A 105 18.44 0.43 -4.54
C ALA A 105 17.19 0.96 -5.24
N SER A 106 16.03 0.63 -4.68
CA SER A 106 14.78 1.13 -5.27
C SER A 106 13.66 1.17 -4.25
N VAL A 107 12.69 2.03 -4.51
CA VAL A 107 11.49 2.15 -3.71
C VAL A 107 10.29 2.09 -4.65
N THR A 108 9.42 1.10 -4.49
CA THR A 108 8.22 0.95 -5.31
C THR A 108 7.00 1.04 -4.39
N THR A 109 6.03 1.91 -4.72
CA THR A 109 4.87 1.99 -3.81
C THR A 109 3.59 1.56 -4.52
N ILE A 110 2.75 0.76 -3.87
CA ILE A 110 1.51 0.25 -4.45
C ILE A 110 0.34 0.75 -3.61
N GLY A 111 -0.54 1.58 -4.20
CA GLY A 111 -1.68 2.07 -3.45
C GLY A 111 -1.25 2.81 -2.20
N THR A 112 -0.15 3.58 -2.26
CA THR A 112 0.29 4.28 -1.05
C THR A 112 -0.26 5.71 -1.03
N PRO A 113 -0.89 6.10 0.07
CA PRO A 113 -1.43 7.45 0.21
C PRO A 113 -0.35 8.43 0.60
N HIS A 114 0.52 8.80 -0.36
CA HIS A 114 1.60 9.74 -0.10
C HIS A 114 1.06 11.11 0.37
N ARG A 115 -0.12 11.50 -0.10
CA ARG A 115 -0.77 12.72 0.27
C ARG A 115 -1.96 12.48 1.22
N GLY A 116 -2.06 11.28 1.76
CA GLY A 116 -3.16 11.00 2.68
C GLY A 116 -4.35 10.35 2.02
N SER A 117 -5.29 9.90 2.84
CA SER A 117 -6.51 9.24 2.43
C SER A 117 -7.72 10.02 2.94
N GLU A 118 -8.65 10.33 2.03
CA GLU A 118 -9.87 11.03 2.44
C GLU A 118 -10.76 10.14 3.30
N PHE A 119 -10.64 8.81 3.23
CA PHE A 119 -11.40 7.93 4.10
C PHE A 119 -10.85 8.03 5.52
N ALA A 120 -9.53 8.08 5.67
CA ALA A 120 -8.94 8.25 7.00
C ALA A 120 -9.42 9.58 7.59
N ASP A 121 -9.46 10.62 6.78
CA ASP A 121 -9.94 11.93 7.20
C ASP A 121 -11.40 11.87 7.65
N PHE A 122 -12.24 11.21 6.86
CA PHE A 122 -13.66 11.04 7.19
C PHE A 122 -13.82 10.39 8.56
N VAL A 123 -13.09 9.31 8.82
CA VAL A 123 -13.16 8.60 10.09
C VAL A 123 -12.70 9.52 11.22
N GLN A 124 -11.62 10.25 11.04
CA GLN A 124 -11.20 11.23 12.06
C GLN A 124 -12.37 12.17 12.39
N ASP A 125 -13.03 12.72 11.39
CA ASP A 125 -14.17 13.62 11.60
C ASP A 125 -15.32 12.94 12.32
N VAL A 126 -15.73 11.75 11.90
CA VAL A 126 -16.82 11.02 12.55
C VAL A 126 -16.54 10.71 14.00
N LEU A 127 -15.32 10.30 14.35
CA LEU A 127 -14.94 9.96 15.70
C LEU A 127 -15.10 11.10 16.70
N LYS A 128 -15.08 12.35 16.27
CA LYS A 128 -15.31 13.48 17.16
C LYS A 128 -16.72 13.40 17.74
N THR A 129 -17.69 12.88 17.00
CA THR A 129 -19.06 12.72 17.43
C THR A 129 -19.34 11.30 17.90
N ASP A 130 -18.95 10.27 17.15
CA ASP A 130 -19.14 8.89 17.58
C ASP A 130 -17.75 8.28 17.75
N PRO A 131 -17.23 8.23 18.97
CA PRO A 131 -15.90 7.72 19.25
C PRO A 131 -15.63 6.27 18.95
N THR A 132 -16.65 5.44 18.74
CA THR A 132 -16.47 4.05 18.38
C THR A 132 -16.44 3.91 16.85
N GLY A 133 -17.16 4.81 16.18
CA GLY A 133 -17.31 4.85 14.74
C GLY A 133 -18.22 3.78 14.17
N LEU A 134 -18.80 2.93 15.00
CA LEU A 134 -19.64 1.84 14.52
C LEU A 134 -21.08 2.20 14.20
N SER A 135 -21.47 3.46 14.42
CA SER A 135 -22.82 3.88 14.02
C SER A 135 -22.86 4.01 12.51
N SER A 136 -21.69 4.18 11.90
CA SER A 136 -21.54 4.31 10.46
C SER A 136 -21.41 2.93 9.83
N THR A 137 -22.34 2.61 8.92
CA THR A 137 -22.27 1.34 8.21
C THR A 137 -20.99 1.27 7.37
N VAL A 138 -20.61 2.40 6.75
CA VAL A 138 -19.39 2.37 5.92
C VAL A 138 -18.17 2.09 6.77
N ILE A 139 -18.09 2.67 7.97
CA ILE A 139 -16.94 2.40 8.83
C ILE A 139 -16.95 0.96 9.33
N ALA A 140 -18.11 0.47 9.78
CA ALA A 140 -18.22 -0.92 10.23
C ALA A 140 -17.84 -1.92 9.17
N ALA A 141 -18.22 -1.72 7.91
CA ALA A 141 -17.86 -2.65 6.85
C ALA A 141 -16.34 -2.65 6.63
N PHE A 142 -15.70 -1.48 6.74
CA PHE A 142 -14.25 -1.39 6.61
C PHE A 142 -13.60 -2.17 7.75
N VAL A 143 -14.05 -1.91 8.98
CA VAL A 143 -13.53 -2.61 10.16
C VAL A 143 -13.56 -4.12 9.96
N ASN A 144 -14.69 -4.62 9.49
CA ASN A 144 -14.83 -6.05 9.25
C ASN A 144 -13.87 -6.55 8.18
N VAL A 145 -13.64 -5.78 7.12
CA VAL A 145 -12.68 -6.17 6.09
C VAL A 145 -11.28 -6.22 6.66
N PHE A 146 -10.91 -5.20 7.42
CA PHE A 146 -9.61 -5.13 8.08
C PHE A 146 -9.37 -6.38 8.91
N GLY A 147 -10.36 -6.76 9.72
CA GLY A 147 -10.30 -7.93 10.58
C GLY A 147 -10.00 -9.20 9.79
N THR A 148 -10.65 -9.36 8.64
CA THR A 148 -10.45 -10.50 7.77
C THR A 148 -9.07 -10.55 7.14
N LEU A 149 -8.42 -9.42 6.92
CA LEU A 149 -7.11 -9.35 6.31
C LEU A 149 -5.99 -9.66 7.30
N VAL A 150 -6.19 -9.32 8.58
CA VAL A 150 -5.14 -9.53 9.57
C VAL A 150 -5.45 -10.70 10.51
N SER A 151 -4.47 -11.15 11.30
CA SER A 151 -4.72 -12.30 12.20
C SER A 151 -5.72 -11.96 13.30
N SER A 152 -6.37 -12.97 13.86
CA SER A 152 -7.40 -12.80 14.88
C SER A 152 -7.04 -11.89 16.05
N SER A 153 -8.02 -11.08 16.44
CA SER A 153 -7.88 -10.16 17.55
C SER A 153 -9.21 -9.97 18.27
N HIS A 154 -9.15 -9.69 19.57
CA HIS A 154 -10.34 -9.44 20.35
C HIS A 154 -10.84 -8.02 20.08
N ASN A 155 -9.92 -7.18 19.59
CA ASN A 155 -10.13 -5.76 19.39
C ASN A 155 -10.00 -5.26 17.97
N THR A 156 -10.66 -5.90 17.03
CA THR A 156 -10.66 -5.48 15.63
C THR A 156 -11.14 -4.05 15.45
N ASP A 157 -12.20 -3.67 16.15
CA ASP A 157 -12.71 -2.30 16.07
C ASP A 157 -11.60 -1.29 16.31
N GLN A 158 -10.90 -1.41 17.43
CA GLN A 158 -9.81 -0.51 17.77
C GLN A 158 -8.66 -0.54 16.78
N ASP A 159 -8.17 -1.71 16.41
CA ASP A 159 -7.07 -1.83 15.47
C ASP A 159 -7.32 -1.26 14.08
N ALA A 160 -8.52 -1.49 13.55
CA ALA A 160 -8.85 -1.00 12.22
C ALA A 160 -8.83 0.53 12.22
N LEU A 161 -9.36 1.14 13.27
CA LEU A 161 -9.34 2.60 13.39
C LEU A 161 -7.93 3.14 13.52
N ALA A 162 -7.10 2.46 14.33
CA ALA A 162 -5.71 2.81 14.53
C ALA A 162 -4.93 2.80 13.21
N ALA A 163 -5.23 1.84 12.34
CA ALA A 163 -4.60 1.72 11.04
C ALA A 163 -4.76 2.95 10.17
N LEU A 164 -5.84 3.73 10.38
CA LEU A 164 -6.04 4.93 9.57
C LEU A 164 -5.42 6.19 10.11
N ARG A 165 -5.03 6.27 11.39
CA ARG A 165 -4.48 7.51 11.92
C ARG A 165 -3.26 8.07 11.21
N THR A 166 -2.34 7.20 10.79
CA THR A 166 -1.14 7.62 10.08
C THR A 166 -1.40 8.06 8.66
N LEU A 167 -2.58 7.71 8.13
CA LEU A 167 -2.89 7.98 6.73
C LEU A 167 -3.74 9.21 6.48
N THR A 168 -3.96 10.06 7.48
CA THR A 168 -4.77 11.27 7.21
C THR A 168 -3.97 12.26 6.37
N THR A 169 -4.69 13.21 5.78
CA THR A 169 -4.06 14.26 4.98
C THR A 169 -3.13 15.09 5.86
N ALA A 170 -3.54 15.35 7.10
CA ALA A 170 -2.70 16.13 8.00
C ALA A 170 -1.43 15.38 8.40
N GLN A 171 -1.57 14.10 8.75
CA GLN A 171 -0.39 13.35 9.21
C GLN A 171 0.62 13.21 8.09
N THR A 172 0.13 12.80 6.90
CA THR A 172 1.03 12.64 5.77
C THR A 172 1.64 13.98 5.33
N ALA A 173 0.96 15.10 5.57
CA ALA A 173 1.49 16.41 5.21
C ALA A 173 2.76 16.67 6.01
N THR A 174 2.66 16.42 7.32
CA THR A 174 3.82 16.61 8.19
C THR A 174 4.95 15.66 7.79
N TYR A 175 4.60 14.40 7.52
CA TYR A 175 5.56 13.41 7.08
C TYR A 175 6.34 13.84 5.85
N ASN A 176 5.63 14.39 4.84
CA ASN A 176 6.28 14.84 3.62
C ASN A 176 7.19 16.04 3.86
N ARG A 177 6.84 16.91 4.81
CA ARG A 177 7.70 18.03 5.16
C ARG A 177 8.96 17.50 5.85
N ASN A 178 8.84 16.46 6.67
CA ASN A 178 9.95 15.90 7.41
C ASN A 178 10.86 15.02 6.56
N PHE A 179 10.25 14.33 5.58
CA PHE A 179 10.92 13.39 4.70
C PHE A 179 10.64 13.65 3.23
N PRO A 180 11.16 14.76 2.68
CA PRO A 180 10.92 15.09 1.30
C PRO A 180 11.52 14.07 0.37
N SER A 181 10.98 14.00 -0.85
CA SER A 181 11.51 13.10 -1.87
C SER A 181 11.29 13.72 -3.25
N ALA A 182 12.30 13.56 -4.12
CA ALA A 182 12.17 14.06 -5.50
C ALA A 182 11.11 13.25 -6.25
N GLY A 183 10.78 12.05 -5.76
CA GLY A 183 9.75 11.21 -6.34
C GLY A 183 8.36 11.81 -6.23
N LEU A 184 8.16 12.78 -5.34
CA LEU A 184 6.87 13.43 -5.18
C LEU A 184 6.75 14.70 -6.02
N GLY A 185 5.63 14.85 -6.71
CA GLY A 185 5.38 16.06 -7.49
C GLY A 185 4.99 17.17 -6.51
N ALA A 186 4.81 18.37 -7.02
CA ALA A 186 4.44 19.49 -6.16
C ALA A 186 3.03 19.26 -5.61
N PRO A 187 2.83 19.74 -4.39
CA PRO A 187 1.54 19.61 -3.72
C PRO A 187 0.44 20.24 -4.53
N GLY A 188 -0.72 19.58 -4.61
CA GLY A 188 -1.87 20.05 -5.35
C GLY A 188 -1.83 19.94 -6.86
N SER A 189 -0.80 19.34 -7.45
CA SER A 189 -0.68 19.23 -8.90
C SER A 189 -1.27 17.95 -9.45
N CYS A 190 -1.46 16.95 -8.60
CA CYS A 190 -1.91 15.63 -9.04
C CYS A 190 -0.99 15.14 -10.18
N GLN A 191 0.32 15.31 -9.98
CA GLN A 191 1.29 14.85 -10.94
C GLN A 191 2.40 14.17 -10.11
N THR A 192 3.10 13.25 -10.74
CA THR A 192 4.22 12.62 -10.04
C THR A 192 5.46 13.47 -10.14
N GLY A 193 6.51 13.05 -9.45
CA GLY A 193 7.80 13.74 -9.47
C GLY A 193 8.80 13.00 -10.35
N ALA A 194 10.04 12.88 -9.87
CA ALA A 194 11.09 12.25 -10.68
C ALA A 194 11.17 10.74 -10.58
N ALA A 195 11.70 10.12 -11.64
CA ALA A 195 11.83 8.66 -11.71
C ALA A 195 12.98 8.14 -10.87
N THR A 196 13.94 9.01 -10.53
CA THR A 196 15.09 8.65 -9.72
C THR A 196 15.39 9.78 -8.74
N GLU A 197 16.19 9.43 -7.74
CA GLU A 197 16.65 10.42 -6.78
C GLU A 197 18.04 10.07 -6.27
N THR A 198 18.82 11.13 -6.10
CA THR A 198 20.17 10.99 -5.52
C THR A 198 20.06 11.51 -4.09
N VAL A 199 20.34 10.64 -3.12
CA VAL A 199 20.22 11.03 -1.72
C VAL A 199 21.57 11.14 -1.05
N GLY A 200 22.28 10.05 -0.81
CA GLY A 200 23.63 10.30 -0.20
C GLY A 200 24.48 10.54 -1.46
N GLY A 201 25.25 9.51 -1.72
CA GLY A 201 26.01 9.34 -2.95
C GLY A 201 25.30 8.15 -3.62
N SER A 202 24.04 7.92 -3.18
CA SER A 202 23.28 6.78 -3.67
C SER A 202 22.15 7.17 -4.62
N GLN A 203 22.01 6.40 -5.69
CA GLN A 203 20.94 6.67 -6.64
C GLN A 203 19.81 5.68 -6.34
N HIS A 204 18.58 6.21 -6.28
CA HIS A 204 17.46 5.33 -6.00
C HIS A 204 16.51 5.27 -7.19
N LEU A 205 16.06 4.07 -7.59
CA LEU A 205 15.05 4.05 -8.65
C LEU A 205 13.70 4.19 -7.95
N LEU A 206 12.87 5.12 -8.39
CA LEU A 206 11.56 5.31 -7.74
C LEU A 206 10.40 4.91 -8.64
N TYR A 207 9.44 4.15 -8.07
CA TYR A 207 8.30 3.67 -8.87
C TYR A 207 7.00 3.61 -8.06
N SER A 208 5.88 3.56 -8.79
CA SER A 208 4.58 3.39 -8.15
C SER A 208 3.51 2.96 -9.14
N TRP A 209 2.42 2.44 -8.55
CA TRP A 209 1.20 2.17 -9.30
C TRP A 209 0.02 2.25 -8.32
N GLY A 210 -1.19 2.37 -8.85
CA GLY A 210 -2.36 2.45 -8.00
C GLY A 210 -3.57 1.89 -8.77
N GLY A 211 -4.64 1.64 -8.04
CA GLY A 211 -5.87 1.15 -8.66
C GLY A 211 -6.95 2.23 -8.69
N THR A 212 -7.72 2.23 -9.78
CA THR A 212 -8.78 3.22 -9.94
C THR A 212 -10.12 2.55 -10.25
N ALA A 213 -10.43 1.47 -9.53
CA ALA A 213 -11.72 0.83 -9.76
C ALA A 213 -12.88 1.74 -9.40
N ILE A 214 -12.77 2.54 -8.35
CA ILE A 214 -13.91 3.37 -7.93
C ILE A 214 -13.93 4.71 -8.64
N GLN A 215 -14.93 4.89 -9.51
CA GLN A 215 -15.06 6.13 -10.30
C GLN A 215 -16.27 6.93 -9.87
N PRO A 216 -16.20 8.26 -9.94
CA PRO A 216 -17.32 9.12 -9.60
C PRO A 216 -18.43 9.09 -10.64
N THR A 217 -19.67 9.06 -10.16
CA THR A 217 -20.83 9.09 -11.06
C THR A 217 -21.78 10.21 -10.59
N SER A 218 -22.62 10.69 -11.50
CA SER A 218 -23.50 11.82 -11.17
C SER A 218 -24.69 11.49 -10.31
N THR A 219 -25.00 10.21 -10.21
CA THR A 219 -26.14 9.66 -9.53
C THR A 219 -25.70 8.75 -8.37
N VAL B 1 -24.66 2.14 -4.15
CA VAL B 1 -23.99 3.33 -3.56
C VAL B 1 -24.23 4.58 -4.39
N VAL B 2 -24.30 5.73 -3.75
CA VAL B 2 -24.51 7.03 -4.38
C VAL B 2 -23.22 7.75 -4.71
N GLY B 3 -23.12 8.25 -5.94
CA GLY B 3 -22.00 9.03 -6.42
C GLY B 3 -20.78 8.28 -6.91
N ALA B 4 -20.82 6.95 -6.92
CA ALA B 4 -19.67 6.18 -7.36
C ALA B 4 -20.11 4.86 -7.96
N THR B 5 -19.20 4.28 -8.73
CA THR B 5 -19.40 2.98 -9.35
C THR B 5 -18.10 2.18 -9.29
N ASP B 6 -18.21 0.85 -9.24
CA ASP B 6 -17.04 -0.03 -9.20
C ASP B 6 -16.79 -0.62 -10.56
N THR B 7 -15.75 -0.18 -11.26
CA THR B 7 -15.45 -0.71 -12.60
C THR B 7 -14.71 -2.05 -12.59
N SER B 8 -14.33 -2.56 -11.43
CA SER B 8 -13.63 -3.84 -11.38
C SER B 8 -14.58 -5.01 -11.63
N THR B 9 -15.87 -4.82 -11.36
CA THR B 9 -16.82 -5.92 -11.47
C THR B 9 -17.70 -5.84 -12.71
N GLY B 10 -18.08 -7.01 -13.21
CA GLY B 10 -18.98 -7.11 -14.37
C GLY B 10 -20.40 -7.39 -13.86
N THR B 11 -21.33 -7.69 -14.77
CA THR B 11 -22.72 -7.94 -14.32
C THR B 11 -22.80 -9.25 -13.56
N LEU B 12 -23.51 -9.22 -12.44
CA LEU B 12 -23.70 -10.36 -11.56
C LEU B 12 -22.36 -10.98 -11.19
N ASP B 13 -21.43 -10.13 -10.76
CA ASP B 13 -20.08 -10.60 -10.45
C ASP B 13 -20.01 -11.33 -9.12
N VAL B 14 -19.49 -12.57 -9.17
CA VAL B 14 -19.34 -13.38 -7.97
C VAL B 14 -18.42 -12.73 -6.95
N ALA B 15 -17.46 -11.90 -7.36
CA ALA B 15 -16.59 -11.20 -6.40
C ALA B 15 -17.36 -10.33 -5.42
N ASN B 16 -18.58 -9.89 -5.76
CA ASN B 16 -19.41 -9.09 -4.86
C ASN B 16 -19.96 -9.96 -3.73
N VAL B 17 -19.93 -11.28 -3.93
CA VAL B 17 -20.40 -12.23 -2.95
C VAL B 17 -19.26 -12.81 -2.12
N THR B 18 -18.27 -13.38 -2.79
CA THR B 18 -17.22 -14.11 -2.09
C THR B 18 -16.14 -13.29 -1.43
N ASP B 19 -16.02 -12.02 -1.84
CA ASP B 19 -15.04 -11.14 -1.23
C ASP B 19 -15.75 -9.90 -0.73
N PRO B 20 -16.02 -9.82 0.57
CA PRO B 20 -16.73 -8.70 1.16
C PRO B 20 -16.05 -7.36 0.97
N SER B 21 -14.74 -7.35 0.72
CA SER B 21 -14.02 -6.10 0.50
C SER B 21 -14.41 -5.44 -0.80
N THR B 22 -15.00 -6.12 -1.77
CA THR B 22 -15.40 -5.51 -3.05
C THR B 22 -16.42 -4.41 -2.82
N LEU B 23 -17.55 -4.75 -2.21
CA LEU B 23 -18.59 -3.74 -1.93
C LEU B 23 -18.22 -2.80 -0.81
N ALA B 24 -17.46 -3.26 0.18
CA ALA B 24 -17.02 -2.39 1.26
C ALA B 24 -16.15 -1.27 0.70
N LEU B 25 -15.23 -1.60 -0.20
CA LEU B 25 -14.34 -0.60 -0.78
C LEU B 25 -15.03 0.32 -1.76
N LEU B 26 -16.14 -0.13 -2.37
CA LEU B 26 -16.94 0.79 -3.18
C LEU B 26 -17.57 1.83 -2.26
N ALA B 27 -18.08 1.39 -1.09
CA ALA B 27 -18.66 2.33 -0.13
C ALA B 27 -17.67 3.32 0.45
N THR B 28 -16.47 2.85 0.80
CA THR B 28 -15.46 3.75 1.33
C THR B 28 -14.98 4.68 0.21
N GLY B 29 -14.87 4.15 -1.01
CA GLY B 29 -14.49 4.96 -2.15
C GLY B 29 -15.53 6.03 -2.48
N ALA B 30 -16.80 5.78 -2.22
CA ALA B 30 -17.82 6.83 -2.47
C ALA B 30 -17.68 7.94 -1.44
N VAL B 31 -17.39 7.60 -0.20
CA VAL B 31 -17.15 8.61 0.85
C VAL B 31 -15.98 9.49 0.42
N MET B 32 -14.91 8.88 -0.13
CA MET B 32 -13.75 9.63 -0.59
C MET B 32 -14.12 10.59 -1.72
N ILE B 33 -14.92 10.14 -2.66
CA ILE B 33 -15.36 10.95 -3.81
C ILE B 33 -16.18 12.13 -3.35
N ASN B 34 -16.96 12.02 -2.28
CA ASN B 34 -17.74 13.13 -1.75
C ASN B 34 -16.85 14.12 -1.01
N ARG B 35 -15.61 13.71 -0.73
CA ARG B 35 -14.58 14.53 -0.14
C ARG B 35 -13.53 14.97 -1.15
N ALA B 36 -13.88 15.07 -2.42
CA ALA B 36 -13.08 15.56 -3.52
C ALA B 36 -11.85 14.75 -3.90
N SER B 37 -11.86 13.46 -3.63
CA SER B 37 -10.71 12.62 -3.95
C SER B 37 -10.59 12.31 -5.43
N GLY B 38 -11.72 12.21 -6.13
CA GLY B 38 -11.67 11.77 -7.52
C GLY B 38 -11.52 10.25 -7.50
N GLN B 39 -11.26 9.67 -8.68
CA GLN B 39 -11.13 8.21 -8.77
C GLN B 39 -10.13 7.65 -7.75
N ASN B 40 -10.47 6.47 -7.26
CA ASN B 40 -9.68 5.85 -6.19
C ASN B 40 -9.86 4.34 -6.11
N ASP B 41 -9.13 3.74 -5.17
CA ASP B 41 -9.15 2.30 -4.98
C ASP B 41 -9.97 1.94 -3.75
N GLY B 42 -10.66 2.93 -3.14
CA GLY B 42 -11.42 2.60 -1.92
C GLY B 42 -10.79 3.21 -0.68
N LEU B 43 -9.47 3.41 -0.71
CA LEU B 43 -8.78 4.00 0.43
C LEU B 43 -7.80 5.08 0.00
N VAL B 44 -7.30 5.01 -1.23
CA VAL B 44 -6.30 5.88 -1.79
C VAL B 44 -6.67 6.40 -3.17
N SER B 45 -6.63 7.72 -3.33
CA SER B 45 -6.98 8.34 -4.61
C SER B 45 -5.84 8.19 -5.60
N ARG B 46 -6.14 8.35 -6.87
CA ARG B 46 -5.11 8.27 -7.91
C ARG B 46 -4.05 9.34 -7.64
N CYS B 47 -4.51 10.57 -7.33
CA CYS B 47 -3.58 11.66 -7.06
C CYS B 47 -2.66 11.38 -5.88
N SER B 48 -3.21 10.88 -4.78
CA SER B 48 -2.38 10.57 -3.62
C SER B 48 -1.39 9.45 -3.85
N SER B 49 -1.65 8.51 -4.76
CA SER B 49 -0.75 7.39 -4.99
C SER B 49 0.50 7.69 -5.82
N LEU B 50 0.51 8.83 -6.50
CA LEU B 50 1.58 9.12 -7.45
C LEU B 50 2.95 9.37 -6.85
N PHE B 51 3.91 8.56 -7.26
CA PHE B 51 5.29 8.63 -6.79
C PHE B 51 6.26 8.04 -7.80
N GLY B 52 7.36 8.76 -8.04
CA GLY B 52 8.40 8.29 -8.96
C GLY B 52 7.90 7.99 -10.35
N GLN B 53 8.41 6.95 -11.00
CA GLN B 53 7.93 6.55 -12.32
C GLN B 53 6.63 5.77 -12.10
N VAL B 54 5.52 6.33 -12.55
CA VAL B 54 4.22 5.67 -12.35
C VAL B 54 4.04 4.66 -13.48
N ILE B 55 3.97 3.38 -13.16
CA ILE B 55 3.81 2.39 -14.23
C ILE B 55 2.42 2.51 -14.84
N SER B 56 1.42 2.63 -13.98
CA SER B 56 0.04 2.79 -14.40
C SER B 56 -0.86 3.10 -13.20
N THR B 57 -1.94 3.82 -13.47
CA THR B 57 -2.95 4.09 -12.46
C THR B 57 -4.31 3.65 -13.04
N SER B 58 -4.29 2.97 -14.20
CA SER B 58 -5.51 2.54 -14.84
C SER B 58 -6.02 1.14 -14.46
N TYR B 59 -5.30 0.44 -13.61
CA TYR B 59 -5.76 -0.90 -13.21
C TYR B 59 -7.16 -0.82 -12.63
N HIS B 60 -8.05 -1.74 -13.00
CA HIS B 60 -9.41 -1.76 -12.44
C HIS B 60 -9.42 -2.55 -11.13
N TRP B 61 -8.76 -1.98 -10.13
CA TRP B 61 -8.54 -2.57 -8.84
C TRP B 61 -8.97 -1.74 -7.64
N ASN B 62 -9.41 -2.43 -6.61
CA ASN B 62 -9.64 -1.75 -5.32
C ASN B 62 -8.39 -2.00 -4.47
N HIS B 63 -8.34 -1.41 -3.28
CA HIS B 63 -7.12 -1.45 -2.46
C HIS B 63 -6.62 -2.86 -2.14
N LEU B 64 -7.51 -3.79 -1.94
CA LEU B 64 -7.08 -5.15 -1.59
C LEU B 64 -6.75 -5.98 -2.84
N ASP B 65 -7.31 -5.60 -3.99
CA ASP B 65 -7.00 -6.29 -5.25
C ASP B 65 -5.50 -6.18 -5.55
N GLU B 66 -4.95 -5.05 -5.14
CA GLU B 66 -3.54 -4.71 -5.36
C GLU B 66 -2.60 -5.75 -4.74
N ILE B 67 -3.07 -6.39 -3.67
CA ILE B 67 -2.27 -7.43 -3.00
C ILE B 67 -2.96 -8.80 -3.13
N ASN B 68 -3.65 -8.93 -4.25
CA ASN B 68 -4.36 -10.16 -4.65
C ASN B 68 -5.20 -10.65 -3.52
N GLN B 69 -6.02 -9.80 -3.05
CA GLN B 69 -6.74 -10.18 -1.93
C GLN B 69 -8.20 -10.35 -2.13
N LEU B 70 -9.17 -10.41 -1.20
CA LEU B 70 -9.25 -11.46 -0.36
C LEU B 70 -9.11 -12.78 -1.07
N LEU B 71 -8.11 -13.59 -0.58
CA LEU B 71 -7.85 -14.95 -1.01
C LEU B 71 -7.90 -15.05 -2.53
N GLY B 72 -7.32 -14.04 -3.18
CA GLY B 72 -7.15 -14.02 -4.65
C GLY B 72 -8.42 -13.71 -5.45
N VAL B 73 -9.51 -13.36 -4.80
CA VAL B 73 -10.76 -13.04 -5.52
C VAL B 73 -10.68 -11.62 -6.09
N ARG B 74 -11.02 -11.43 -7.35
CA ARG B 74 -11.05 -10.07 -7.93
C ARG B 74 -12.18 -10.01 -8.96
N GLY B 75 -12.67 -8.80 -9.21
CA GLY B 75 -13.74 -8.66 -10.20
C GLY B 75 -13.32 -9.15 -11.57
N ALA B 76 -14.37 -9.34 -12.39
CA ALA B 76 -14.19 -9.81 -13.76
C ALA B 76 -13.35 -8.89 -14.62
N ASN B 77 -13.33 -7.58 -14.32
CA ASN B 77 -12.52 -6.65 -15.10
C ASN B 77 -11.14 -6.38 -14.53
N ALA B 78 -10.85 -6.93 -13.35
CA ALA B 78 -9.56 -6.68 -12.72
C ALA B 78 -8.41 -7.44 -13.35
N GLU B 79 -7.29 -6.74 -13.51
CA GLU B 79 -6.07 -7.35 -14.06
C GLU B 79 -5.47 -8.25 -12.98
N ASP B 80 -4.56 -9.14 -13.37
CA ASP B 80 -3.95 -10.07 -12.39
C ASP B 80 -2.82 -9.40 -11.65
N PRO B 81 -2.94 -9.18 -10.35
CA PRO B 81 -1.94 -8.47 -9.56
C PRO B 81 -0.66 -9.23 -9.34
N VAL B 82 -0.75 -10.57 -9.34
CA VAL B 82 0.43 -11.42 -9.20
C VAL B 82 1.34 -11.23 -10.41
N ALA B 83 0.74 -11.25 -11.61
CA ALA B 83 1.50 -11.05 -12.84
C ALA B 83 2.06 -9.62 -12.90
N VAL B 84 1.30 -8.62 -12.44
CA VAL B 84 1.79 -7.25 -12.46
C VAL B 84 3.00 -7.04 -11.58
N ILE B 85 3.01 -7.63 -10.38
CA ILE B 85 4.15 -7.54 -9.48
C ILE B 85 5.33 -8.33 -10.05
N ARG B 86 5.10 -9.49 -10.63
CA ARG B 86 6.14 -10.31 -11.23
C ARG B 86 6.85 -9.56 -12.33
N THR B 87 6.04 -8.92 -13.19
CA THR B 87 6.59 -8.11 -14.29
C THR B 87 7.49 -7.00 -13.74
N HIS B 88 7.07 -6.39 -12.63
CA HIS B 88 7.87 -5.31 -12.05
C HIS B 88 9.19 -5.83 -11.50
N VAL B 89 9.19 -7.02 -10.91
CA VAL B 89 10.46 -7.56 -10.36
C VAL B 89 11.43 -7.81 -11.51
N ASN B 90 10.94 -8.31 -12.64
CA ASN B 90 11.78 -8.45 -13.84
C ASN B 90 12.23 -7.08 -14.34
N ARG B 91 11.39 -6.05 -14.27
CA ARG B 91 11.74 -4.69 -14.63
C ARG B 91 12.92 -4.23 -13.79
N LEU B 92 12.85 -4.43 -12.48
CA LEU B 92 13.94 -4.07 -11.59
C LEU B 92 15.21 -4.80 -12.01
N LYS B 93 15.14 -6.10 -12.26
CA LYS B 93 16.27 -6.90 -12.69
C LYS B 93 16.94 -6.32 -13.92
N LEU B 94 16.14 -5.95 -14.93
CA LEU B 94 16.67 -5.37 -16.15
C LEU B 94 17.19 -3.95 -15.99
N GLN B 95 16.89 -3.28 -14.88
CA GLN B 95 17.41 -1.96 -14.58
C GLN B 95 18.73 -2.06 -13.81
N GLY B 96 19.18 -3.27 -13.51
CA GLY B 96 20.44 -3.49 -12.84
C GLY B 96 20.38 -3.54 -11.32
N VAL B 97 19.18 -3.62 -10.74
CA VAL B 97 19.07 -3.75 -9.29
C VAL B 97 18.52 -5.13 -8.94
#